data_5UPD
#
_entry.id   5UPD
#
_cell.length_a   44.160
_cell.length_b   62.810
_cell.length_c   48.840
_cell.angle_alpha   90.000
_cell.angle_beta   109.780
_cell.angle_gamma   90.000
#
_symmetry.space_group_name_H-M   'P 1 21 1'
#
loop_
_entity.id
_entity.type
_entity.pdbx_description
1 polymer 'Histone-lysine N-methyltransferase NSD3'
2 non-polymer S-ADENOSYLMETHIONINE
3 non-polymer 'UNKNOWN ATOM OR ION'
4 non-polymer 'ZINC ION'
5 water water
#
_entity_poly.entity_id   1
_entity_poly.type   'polypeptide(L)'
_entity_poly.pdbx_seq_one_letter_code
;GQRESKEALEIEKNSRKPPPYKHIKANKVIGKVQIQVADLSEIPRCNCKPADENPCGLESECLNRMLQYECHPQVCPAGD
RCQNQCFTKRLYPDAEIIKTERRGWGLRTKRSIKKGEFVNEYVGELIDEEECRLRIKRAHENSVTNFYMLTVTKDRIIDA
GPKGNYSRFMNHSCNPNCETQKWTVNGDVRVGLFALCDIPAGMELTFNYNLDCLGNGRTECHCGADNCSGFLG
;
_entity_poly.pdbx_strand_id   A
#
loop_
_chem_comp.id
_chem_comp.type
_chem_comp.name
_chem_comp.formula
SAM non-polymer S-ADENOSYLMETHIONINE 'C15 H22 N6 O5 S'
UNX non-polymer 'UNKNOWN ATOM OR ION' ?
ZN non-polymer 'ZINC ION' 'Zn 2'
#
# COMPACT_ATOMS: atom_id res chain seq x y z
CA LYS A 17 -14.77 14.80 -8.81
C LYS A 17 -13.85 14.01 -9.74
N PRO A 18 -13.04 13.11 -9.17
CA PRO A 18 -12.07 12.38 -9.99
C PRO A 18 -12.75 11.50 -11.05
N PRO A 19 -12.07 11.19 -12.14
CA PRO A 19 -12.65 10.25 -13.05
C PRO A 19 -12.93 8.86 -12.44
N PRO A 20 -13.74 8.06 -13.15
CA PRO A 20 -14.22 6.86 -12.47
C PRO A 20 -13.21 5.76 -12.33
N TYR A 21 -13.37 4.97 -11.28
CA TYR A 21 -12.59 3.76 -11.07
C TYR A 21 -13.47 2.83 -10.29
N LYS A 22 -13.22 1.54 -10.30
CA LYS A 22 -13.95 0.63 -9.47
C LYS A 22 -13.26 0.49 -8.11
N HIS A 23 -14.01 0.81 -7.06
CA HIS A 23 -13.50 0.72 -5.68
C HIS A 23 -13.59 -0.74 -5.25
N ILE A 24 -12.44 -1.36 -5.01
CA ILE A 24 -12.33 -2.80 -4.75
C ILE A 24 -11.68 -3.06 -3.40
N LYS A 25 -11.85 -4.29 -2.91
CA LYS A 25 -11.46 -4.70 -1.56
C LYS A 25 -10.14 -5.45 -1.55
N ALA A 26 -9.83 -6.13 -2.63
CA ALA A 26 -8.67 -6.99 -2.68
C ALA A 26 -8.17 -6.99 -4.11
N ASN A 27 -6.91 -7.39 -4.30
CA ASN A 27 -6.30 -7.42 -5.60
C ASN A 27 -7.05 -8.41 -6.57
N LYS A 28 -7.04 -8.07 -7.86
CA LYS A 28 -7.71 -8.85 -8.91
C LYS A 28 -6.68 -9.30 -9.93
N VAL A 29 -6.48 -10.60 -10.10
CA VAL A 29 -5.47 -11.08 -11.06
C VAL A 29 -5.89 -10.95 -12.51
N ILE A 30 -4.93 -10.68 -13.37
CA ILE A 30 -5.17 -10.51 -14.80
C ILE A 30 -4.26 -11.41 -15.63
N GLY A 31 -4.83 -12.04 -16.67
CA GLY A 31 -4.04 -12.82 -17.63
C GLY A 31 -3.35 -14.03 -17.08
N LYS A 32 -2.02 -14.13 -17.24
CA LYS A 32 -1.26 -15.26 -16.72
C LYS A 32 -1.02 -15.20 -15.20
N VAL A 33 -1.31 -14.07 -14.57
CA VAL A 33 -0.99 -13.91 -13.13
C VAL A 33 -1.98 -14.79 -12.34
N GLN A 34 -1.46 -15.63 -11.47
CA GLN A 34 -2.32 -16.39 -10.52
C GLN A 34 -1.92 -15.95 -9.10
N ILE A 35 -2.88 -15.95 -8.17
CA ILE A 35 -2.56 -15.66 -6.75
C ILE A 35 -2.11 -16.96 -6.08
N GLN A 36 -1.06 -16.87 -5.27
CA GLN A 36 -0.51 -18.03 -4.57
C GLN A 36 -1.12 -18.04 -3.17
N VAL A 37 -1.87 -19.08 -2.82
CA VAL A 37 -2.41 -19.18 -1.46
C VAL A 37 -1.61 -20.24 -0.68
N ALA A 38 -1.29 -19.94 0.58
CA ALA A 38 -0.54 -20.90 1.43
C ALA A 38 -1.49 -22.00 1.91
N ASP A 39 -0.99 -23.20 2.08
CA ASP A 39 -1.68 -24.15 2.90
C ASP A 39 -1.52 -23.62 4.35
N LEU A 40 -2.52 -23.82 5.19
CA LEU A 40 -2.42 -23.51 6.60
C LEU A 40 -1.12 -24.06 7.23
N SER A 41 -0.76 -25.27 6.83
CA SER A 41 0.48 -25.86 7.35
C SER A 41 1.75 -25.09 7.03
N GLU A 42 1.72 -24.27 5.97
CA GLU A 42 2.86 -23.48 5.53
C GLU A 42 2.95 -22.10 6.16
N ILE A 43 1.95 -21.64 6.89
CA ILE A 43 1.97 -20.27 7.46
C ILE A 43 2.90 -20.33 8.67
N PRO A 44 3.85 -19.43 8.78
CA PRO A 44 4.72 -19.52 9.98
C PRO A 44 3.96 -19.20 11.27
N ARG A 45 4.33 -19.89 12.35
CA ARG A 45 3.81 -19.63 13.68
C ARG A 45 4.89 -18.90 14.49
N CYS A 46 4.52 -17.80 15.14
CA CYS A 46 5.40 -17.08 16.02
C CYS A 46 5.40 -17.71 17.44
N ASN A 47 6.19 -17.13 18.33
CA ASN A 47 6.37 -17.65 19.69
C ASN A 47 5.71 -16.74 20.75
N CYS A 48 4.88 -15.78 20.30
CA CYS A 48 4.15 -14.88 21.21
C CYS A 48 3.10 -15.63 22.04
N LYS A 49 2.66 -15.01 23.14
CA LYS A 49 1.77 -15.70 24.10
C LYS A 49 0.49 -14.91 24.34
N PRO A 50 -0.62 -15.63 24.55
CA PRO A 50 -1.89 -14.94 24.86
C PRO A 50 -1.76 -14.00 26.07
N ALA A 51 -0.92 -14.39 27.02
CA ALA A 51 -0.63 -13.61 28.22
C ALA A 51 0.43 -12.51 28.08
N ASP A 52 0.92 -12.22 26.87
CA ASP A 52 1.74 -11.01 26.65
C ASP A 52 0.80 -9.82 26.59
N GLU A 53 1.32 -8.64 26.89
CA GLU A 53 0.60 -7.39 26.64
C GLU A 53 0.77 -7.12 25.17
N ASN A 54 -0.30 -6.76 24.47
CA ASN A 54 -0.22 -6.47 23.04
C ASN A 54 0.52 -7.59 22.24
N PRO A 55 -0.12 -8.79 22.17
CA PRO A 55 0.51 -9.91 21.47
C PRO A 55 0.61 -9.65 19.93
N CYS A 56 1.80 -9.93 19.39
CA CYS A 56 2.15 -9.70 17.98
C CYS A 56 2.05 -8.24 17.55
N GLY A 57 2.19 -7.32 18.49
CA GLY A 57 2.05 -5.88 18.25
C GLY A 57 3.33 -5.22 17.78
N LEU A 58 3.20 -3.95 17.46
CA LEU A 58 4.34 -3.12 17.03
C LEU A 58 5.56 -3.21 17.97
N GLU A 59 5.35 -3.13 19.27
CA GLU A 59 6.47 -3.18 20.25
C GLU A 59 7.16 -4.57 20.34
N SER A 60 6.38 -5.63 20.13
CA SER A 60 6.78 -7.01 20.47
C SER A 60 7.98 -7.54 19.69
N GLU A 61 8.51 -8.68 20.13
CA GLU A 61 9.57 -9.34 19.38
C GLU A 61 8.98 -10.35 18.39
N CYS A 62 7.74 -10.15 17.95
CA CYS A 62 7.04 -11.19 17.18
C CYS A 62 7.90 -11.57 15.99
N LEU A 63 8.23 -12.86 15.88
CA LEU A 63 9.03 -13.36 14.76
C LEU A 63 8.33 -13.18 13.44
N ASN A 64 7.00 -13.22 13.39
CA ASN A 64 6.28 -13.06 12.12
C ASN A 64 6.40 -11.60 11.69
N ARG A 65 6.06 -10.68 12.57
CA ARG A 65 6.27 -9.24 12.29
C ARG A 65 7.63 -8.91 11.78
N MET A 66 8.67 -9.51 12.39
CA MET A 66 10.08 -9.24 12.04
C MET A 66 10.30 -9.45 10.58
N LEU A 67 9.77 -10.54 10.05
CA LEU A 67 9.95 -10.97 8.67
C LEU A 67 8.83 -10.47 7.71
N GLN A 68 7.98 -9.57 8.19
CA GLN A 68 6.84 -9.01 7.44
C GLN A 68 5.95 -10.14 6.95
N TYR A 69 5.64 -11.05 7.88
CA TYR A 69 4.63 -12.08 7.68
C TYR A 69 3.44 -11.78 8.59
N GLU A 70 2.24 -11.73 8.01
CA GLU A 70 1.00 -11.61 8.78
C GLU A 70 0.67 -12.97 9.44
N CYS A 71 0.25 -12.93 10.69
CA CYS A 71 -0.27 -14.12 11.40
C CYS A 71 -1.62 -14.51 10.84
N HIS A 72 -1.90 -15.80 10.85
CA HIS A 72 -3.20 -16.31 10.47
C HIS A 72 -3.87 -16.67 11.81
N PRO A 73 -5.14 -16.25 12.03
CA PRO A 73 -5.81 -16.46 13.32
C PRO A 73 -5.92 -17.95 13.76
N GLN A 74 -6.08 -18.87 12.81
CA GLN A 74 -6.06 -20.33 13.12
C GLN A 74 -4.68 -20.93 13.43
N VAL A 75 -3.59 -20.15 13.28
CA VAL A 75 -2.24 -20.63 13.55
C VAL A 75 -1.63 -19.92 14.77
N CYS A 76 -1.94 -18.66 14.97
CA CYS A 76 -1.24 -17.86 15.95
C CYS A 76 -1.55 -18.33 17.35
N PRO A 77 -0.52 -18.48 18.21
CA PRO A 77 -0.79 -18.88 19.59
C PRO A 77 -1.57 -17.83 20.39
N ALA A 78 -1.52 -16.56 19.98
CA ALA A 78 -2.36 -15.54 20.62
C ALA A 78 -3.80 -15.51 20.12
N GLY A 79 -4.14 -16.37 19.16
CA GLY A 79 -5.49 -16.44 18.64
C GLY A 79 -6.00 -15.09 18.13
N ASP A 80 -7.02 -14.55 18.79
CA ASP A 80 -7.72 -13.35 18.31
C ASP A 80 -7.34 -12.07 19.06
N ARG A 81 -6.47 -12.21 20.05
CA ARG A 81 -5.75 -11.06 20.59
C ARG A 81 -4.53 -10.68 19.75
N CYS A 82 -4.21 -11.49 18.74
CA CYS A 82 -3.08 -11.23 17.86
C CYS A 82 -3.24 -9.85 17.20
N GLN A 83 -2.24 -8.98 17.35
CA GLN A 83 -2.25 -7.64 16.74
C GLN A 83 -1.47 -7.60 15.40
N ASN A 84 -1.36 -8.77 14.73
CA ASN A 84 -0.62 -8.87 13.45
C ASN A 84 -1.54 -9.43 12.42
N GLN A 85 -2.72 -8.84 12.31
CA GLN A 85 -3.70 -9.26 11.30
C GLN A 85 -4.21 -8.08 10.49
N CYS A 86 -3.37 -7.06 10.28
CA CYS A 86 -3.84 -5.80 9.71
C CYS A 86 -4.37 -5.92 8.28
N PHE A 87 -3.70 -6.69 7.42
CA PHE A 87 -4.17 -6.81 6.03
C PHE A 87 -5.51 -7.50 5.96
N THR A 88 -5.65 -8.61 6.70
CA THR A 88 -6.86 -9.37 6.61
C THR A 88 -8.08 -8.68 7.25
N LYS A 89 -7.87 -7.90 8.29
CA LYS A 89 -8.97 -7.24 9.00
C LYS A 89 -9.48 -6.02 8.26
N ARG A 90 -8.69 -5.47 7.35
CA ARG A 90 -9.10 -4.35 6.52
C ARG A 90 -9.62 -3.14 7.27
N LEU A 91 -9.11 -2.86 8.47
CA LEU A 91 -9.43 -1.65 9.20
C LEU A 91 -8.37 -0.61 8.82
N TYR A 92 -8.79 0.41 8.10
CA TYR A 92 -7.94 1.50 7.65
C TYR A 92 -8.40 2.76 8.41
N PRO A 93 -7.47 3.62 8.82
CA PRO A 93 -7.89 4.95 9.31
C PRO A 93 -8.74 5.66 8.27
N ASP A 94 -9.82 6.30 8.71
CA ASP A 94 -10.72 6.92 7.77
C ASP A 94 -9.98 7.99 7.00
N ALA A 95 -10.17 8.00 5.69
CA ALA A 95 -9.51 8.96 4.81
C ALA A 95 -10.51 9.64 3.88
N GLU A 96 -10.05 10.69 3.21
CA GLU A 96 -10.88 11.54 2.42
C GLU A 96 -10.08 12.06 1.24
N ILE A 97 -10.72 12.06 0.08
CA ILE A 97 -10.15 12.58 -1.15
C ILE A 97 -10.16 14.11 -1.09
N ILE A 98 -9.04 14.71 -1.47
CA ILE A 98 -8.92 16.19 -1.54
C ILE A 98 -8.53 16.63 -2.93
N LYS A 99 -8.81 17.89 -3.30
CA LYS A 99 -8.27 18.46 -4.53
C LYS A 99 -7.08 19.37 -4.19
N THR A 100 -5.95 19.14 -4.85
CA THR A 100 -4.77 19.98 -4.73
C THR A 100 -4.70 20.85 -5.99
N GLU A 101 -3.82 21.85 -6.04
CA GLU A 101 -3.75 22.68 -7.25
CA GLU A 101 -3.72 22.70 -7.21
C GLU A 101 -2.87 22.07 -8.33
N ARG A 102 -1.76 21.43 -7.97
CA ARG A 102 -0.81 20.99 -9.02
C ARG A 102 -0.55 19.46 -9.04
N ARG A 103 -1.12 18.72 -8.10
CA ARG A 103 -0.89 17.28 -7.98
C ARG A 103 -2.23 16.52 -8.12
N GLY A 104 -3.22 17.14 -8.79
CA GLY A 104 -4.52 16.45 -8.98
C GLY A 104 -5.30 16.21 -7.69
N TRP A 105 -5.92 15.04 -7.58
CA TRP A 105 -6.60 14.65 -6.35
C TRP A 105 -5.61 13.99 -5.44
N GLY A 106 -5.77 14.19 -4.15
CA GLY A 106 -4.91 13.47 -3.18
C GLY A 106 -5.77 12.90 -2.11
N LEU A 107 -5.12 12.45 -1.05
CA LEU A 107 -5.79 11.78 0.06
C LEU A 107 -5.32 12.32 1.41
N ARG A 108 -6.24 12.59 2.31
CA ARG A 108 -5.89 13.04 3.66
C ARG A 108 -6.54 12.10 4.68
N THR A 109 -5.86 11.95 5.79
CA THR A 109 -6.41 11.24 6.92
C THR A 109 -7.35 12.15 7.71
N LYS A 110 -8.51 11.58 8.08
CA LYS A 110 -9.51 12.29 8.86
C LYS A 110 -9.14 12.33 10.33
N ARG A 111 -8.32 11.38 10.77
CA ARG A 111 -7.94 11.23 12.16
C ARG A 111 -6.44 10.96 12.35
N SER A 112 -5.94 11.16 13.57
CA SER A 112 -4.51 11.03 13.85
CA SER A 112 -4.51 11.04 13.84
C SER A 112 -4.07 9.60 13.68
N ILE A 113 -2.83 9.41 13.21
CA ILE A 113 -2.23 8.10 12.98
C ILE A 113 -0.87 8.08 13.66
N LYS A 114 -0.60 6.98 14.35
CA LYS A 114 0.64 6.83 15.06
C LYS A 114 1.74 6.27 14.20
N LYS A 115 2.96 6.68 14.53
CA LYS A 115 4.14 6.14 13.87
C LYS A 115 4.09 4.60 13.77
N GLY A 116 4.33 4.05 12.56
CA GLY A 116 4.37 2.61 12.30
C GLY A 116 3.04 1.90 12.08
N GLU A 117 1.94 2.61 12.26
CA GLU A 117 0.59 2.05 12.13
C GLU A 117 0.29 1.83 10.66
N PHE A 118 -0.44 0.76 10.39
CA PHE A 118 -1.04 0.44 9.13
C PHE A 118 -2.03 1.47 8.66
N VAL A 119 -1.80 2.01 7.47
CA VAL A 119 -2.61 3.08 6.90
C VAL A 119 -3.58 2.55 5.83
N ASN A 120 -3.10 1.67 4.98
CA ASN A 120 -3.94 1.11 3.88
C ASN A 120 -3.22 -0.06 3.19
N GLU A 121 -3.94 -0.84 2.39
CA GLU A 121 -3.32 -1.75 1.45
C GLU A 121 -3.44 -1.14 0.02
N TYR A 122 -2.37 -1.26 -0.77
CA TYR A 122 -2.36 -0.79 -2.13
C TYR A 122 -2.92 -1.93 -2.95
N VAL A 123 -4.15 -1.74 -3.41
CA VAL A 123 -4.84 -2.78 -4.15
C VAL A 123 -5.05 -2.34 -5.56
N GLY A 124 -5.23 -3.32 -6.43
CA GLY A 124 -5.49 -3.03 -7.82
C GLY A 124 -5.53 -4.31 -8.62
N GLU A 125 -5.42 -4.16 -9.93
CA GLU A 125 -5.29 -5.33 -10.82
C GLU A 125 -3.84 -5.78 -10.80
N LEU A 126 -3.62 -7.08 -10.62
CA LEU A 126 -2.28 -7.67 -10.63
C LEU A 126 -1.94 -8.12 -12.06
N ILE A 127 -0.92 -7.48 -12.62
CA ILE A 127 -0.53 -7.65 -14.03
C ILE A 127 0.94 -8.02 -14.15
N ASP A 128 1.30 -8.63 -15.29
CA ASP A 128 2.71 -8.92 -15.55
C ASP A 128 3.40 -7.78 -16.30
N GLU A 129 4.70 -7.89 -16.46
CA GLU A 129 5.50 -6.80 -17.06
C GLU A 129 5.04 -6.46 -18.48
N GLU A 130 4.76 -7.47 -19.28
CA GLU A 130 4.30 -7.26 -20.66
C GLU A 130 2.95 -6.47 -20.66
N GLU A 131 2.04 -6.81 -19.75
CA GLU A 131 0.73 -6.08 -19.68
C GLU A 131 0.90 -4.65 -19.21
N CYS A 132 1.82 -4.47 -18.27
CA CYS A 132 2.09 -3.15 -17.74
C CYS A 132 2.61 -2.23 -18.86
N ARG A 133 3.59 -2.71 -19.63
CA ARG A 133 4.13 -1.96 -20.80
C ARG A 133 3.05 -1.62 -21.82
N LEU A 134 2.19 -2.59 -22.11
CA LEU A 134 1.07 -2.36 -23.01
C LEU A 134 0.14 -1.24 -22.49
N ARG A 135 -0.14 -1.22 -21.18
CA ARG A 135 -1.04 -0.17 -20.63
C ARG A 135 -0.35 1.19 -20.62
N ILE A 136 0.93 1.22 -20.32
CA ILE A 136 1.69 2.45 -20.30
C ILE A 136 1.74 3.03 -21.72
N LYS A 137 1.98 2.16 -22.71
CA LYS A 137 1.99 2.54 -24.11
C LYS A 137 0.64 3.11 -24.53
N ARG A 138 -0.47 2.40 -24.29
CA ARG A 138 -1.78 2.95 -24.59
C ARG A 138 -2.05 4.31 -23.88
N ALA A 139 -1.66 4.39 -22.61
CA ALA A 139 -1.81 5.64 -21.86
C ALA A 139 -1.11 6.82 -22.53
N HIS A 140 0.15 6.64 -22.93
CA HIS A 140 0.92 7.71 -23.63
C HIS A 140 0.29 8.11 -24.95
N GLU A 141 -0.28 7.14 -25.66
CA GLU A 141 -0.95 7.44 -26.94
C GLU A 141 -2.18 8.31 -26.73
N ASN A 142 -2.89 8.10 -25.62
CA ASN A 142 -3.99 8.97 -25.24
C ASN A 142 -3.60 10.15 -24.32
N SER A 143 -2.36 10.58 -24.32
CA SER A 143 -1.89 11.68 -23.42
C SER A 143 -2.45 11.64 -21.95
N VAL A 144 -2.48 10.43 -21.36
CA VAL A 144 -2.78 10.22 -19.92
C VAL A 144 -1.52 10.58 -19.14
N THR A 145 -1.68 11.33 -18.06
CA THR A 145 -0.51 11.74 -17.27
C THR A 145 -0.50 11.15 -15.83
N ASN A 146 -1.56 10.42 -15.46
CA ASN A 146 -1.69 9.80 -14.16
C ASN A 146 -1.40 8.32 -14.32
N PHE A 147 -0.42 7.83 -13.58
CA PHE A 147 -0.10 6.39 -13.55
C PHE A 147 -0.20 5.83 -12.14
N TYR A 148 -0.62 4.58 -12.05
CA TYR A 148 -0.98 3.96 -10.77
C TYR A 148 -0.30 2.58 -10.66
N MET A 149 0.88 2.42 -11.27
CA MET A 149 1.57 1.12 -11.31
C MET A 149 2.52 1.08 -10.10
N LEU A 150 2.57 -0.02 -9.39
CA LEU A 150 3.51 -0.23 -8.30
C LEU A 150 4.05 -1.66 -8.43
N THR A 151 5.37 -1.78 -8.47
CA THR A 151 6.04 -3.05 -8.67
C THR A 151 6.03 -3.82 -7.39
N VAL A 152 5.58 -5.06 -7.43
CA VAL A 152 5.71 -5.97 -6.31
C VAL A 152 7.00 -6.77 -6.55
N THR A 153 7.11 -7.39 -7.73
CA THR A 153 8.44 -7.86 -8.25
C THR A 153 8.52 -7.59 -9.76
N LYS A 154 9.65 -7.87 -10.42
CA LYS A 154 9.85 -7.53 -11.85
C LYS A 154 8.61 -7.87 -12.74
N ASP A 155 8.02 -9.05 -12.50
CA ASP A 155 6.90 -9.53 -13.32
C ASP A 155 5.55 -9.55 -12.59
N ARG A 156 5.41 -8.84 -11.46
CA ARG A 156 4.12 -8.76 -10.75
CA ARG A 156 4.14 -8.76 -10.70
C ARG A 156 3.95 -7.30 -10.34
N ILE A 157 2.99 -6.63 -10.99
CA ILE A 157 2.80 -5.20 -10.85
C ILE A 157 1.32 -4.97 -10.47
N ILE A 158 1.07 -4.12 -9.47
CA ILE A 158 -0.29 -3.73 -9.09
C ILE A 158 -0.62 -2.46 -9.86
N ASP A 159 -1.69 -2.49 -10.66
CA ASP A 159 -2.15 -1.29 -11.34
C ASP A 159 -3.45 -0.88 -10.69
N ALA A 160 -3.39 0.23 -9.97
CA ALA A 160 -4.58 0.71 -9.25
C ALA A 160 -5.42 1.76 -10.05
N GLY A 161 -5.19 1.87 -11.35
CA GLY A 161 -5.83 2.84 -12.17
C GLY A 161 -7.29 2.51 -12.46
N PRO A 162 -7.55 1.35 -13.09
CA PRO A 162 -8.95 1.02 -13.40
C PRO A 162 -9.77 0.62 -12.16
N LYS A 163 -9.08 -0.03 -11.21
CA LYS A 163 -9.67 -0.54 -10.01
C LYS A 163 -8.64 -0.32 -8.86
N GLY A 164 -9.12 0.07 -7.68
CA GLY A 164 -8.30 0.30 -6.50
C GLY A 164 -9.07 0.67 -5.28
N ASN A 165 -8.36 1.13 -4.27
CA ASN A 165 -9.07 1.72 -3.13
C ASN A 165 -8.54 3.12 -2.95
N TYR A 166 -8.78 3.72 -1.80
CA TYR A 166 -8.31 5.11 -1.58
C TYR A 166 -6.80 5.31 -1.70
N SER A 167 -6.03 4.26 -1.49
CA SER A 167 -4.57 4.36 -1.64
C SER A 167 -4.11 4.85 -3.04
N ARG A 168 -4.96 4.69 -4.07
CA ARG A 168 -4.64 5.15 -5.38
C ARG A 168 -4.52 6.67 -5.48
N PHE A 169 -5.11 7.36 -4.51
CA PHE A 169 -5.03 8.82 -4.44
C PHE A 169 -3.83 9.39 -3.71
N MET A 170 -2.99 8.57 -3.12
CA MET A 170 -1.86 9.11 -2.34
C MET A 170 -0.79 9.57 -3.30
N ASN A 171 -0.46 10.87 -3.19
CA ASN A 171 0.53 11.48 -4.02
C ASN A 171 1.97 11.14 -3.56
N HIS A 172 2.91 11.38 -4.49
CA HIS A 172 4.32 11.27 -4.22
C HIS A 172 4.86 12.43 -3.41
N SER A 173 5.78 12.13 -2.50
CA SER A 173 6.55 13.19 -1.86
C SER A 173 7.96 12.71 -1.73
N CYS A 174 8.84 13.68 -1.92
CA CYS A 174 10.24 13.52 -1.65
C CYS A 174 10.55 13.46 -0.13
N ASN A 175 9.62 13.90 0.72
CA ASN A 175 9.72 13.80 2.18
C ASN A 175 8.41 13.28 2.76
N PRO A 176 8.11 11.99 2.48
CA PRO A 176 6.80 11.43 2.75
C PRO A 176 6.51 11.15 4.21
N ASN A 177 5.24 10.96 4.50
CA ASN A 177 4.82 10.53 5.85
C ASN A 177 4.41 9.03 5.94
N CYS A 178 4.33 8.37 4.81
CA CYS A 178 4.10 6.92 4.71
C CYS A 178 5.11 6.23 3.80
N GLU A 179 5.22 4.92 3.94
CA GLU A 179 6.10 4.09 3.10
C GLU A 179 5.35 2.81 2.79
N THR A 180 5.73 2.21 1.68
CA THR A 180 5.27 0.88 1.32
C THR A 180 6.13 -0.17 2.01
N GLN A 181 5.50 -1.29 2.41
CA GLN A 181 6.17 -2.51 2.87
C GLN A 181 5.48 -3.71 2.18
N LYS A 182 6.27 -4.69 1.78
CA LYS A 182 5.77 -5.92 1.14
C LYS A 182 5.66 -6.96 2.22
N TRP A 183 4.46 -7.51 2.38
CA TRP A 183 4.14 -8.44 3.46
C TRP A 183 3.63 -9.68 2.81
N THR A 184 3.97 -10.81 3.39
CA THR A 184 3.37 -12.07 3.06
C THR A 184 2.16 -12.35 3.93
N VAL A 185 1.03 -12.51 3.25
CA VAL A 185 -0.26 -12.74 3.88
C VAL A 185 -0.86 -14.00 3.31
N ASN A 186 -0.91 -15.06 4.11
CA ASN A 186 -1.57 -16.29 3.69
C ASN A 186 -0.98 -16.77 2.36
N GLY A 187 0.34 -16.66 2.25
CA GLY A 187 1.10 -17.13 1.09
C GLY A 187 1.25 -16.18 -0.09
N ASP A 188 0.56 -15.03 -0.07
CA ASP A 188 0.65 -14.05 -1.17
C ASP A 188 1.35 -12.75 -0.69
N VAL A 189 2.17 -12.15 -1.55
CA VAL A 189 2.86 -10.89 -1.22
C VAL A 189 1.92 -9.74 -1.56
N ARG A 190 1.63 -8.92 -0.57
CA ARG A 190 0.74 -7.78 -0.67
C ARG A 190 1.47 -6.53 -0.20
N VAL A 191 0.99 -5.39 -0.62
CA VAL A 191 1.68 -4.14 -0.36
C VAL A 191 0.83 -3.30 0.61
N GLY A 192 1.43 -2.88 1.71
CA GLY A 192 0.77 -2.07 2.69
C GLY A 192 1.47 -0.73 2.77
N LEU A 193 0.69 0.28 3.13
CA LEU A 193 1.20 1.62 3.45
CA LEU A 193 1.24 1.60 3.45
C LEU A 193 1.22 1.78 4.97
N PHE A 194 2.36 2.23 5.52
CA PHE A 194 2.60 2.36 6.95
C PHE A 194 3.14 3.77 7.27
N ALA A 195 2.72 4.32 8.40
CA ALA A 195 3.11 5.68 8.79
C ALA A 195 4.55 5.72 9.25
N LEU A 196 5.27 6.72 8.77
CA LEU A 196 6.68 6.89 9.10
C LEU A 196 6.87 7.76 10.31
N CYS A 197 5.81 8.46 10.72
CA CYS A 197 5.85 9.40 11.84
C CYS A 197 4.43 9.49 12.36
N ASP A 198 4.28 10.16 13.48
CA ASP A 198 2.95 10.52 13.96
C ASP A 198 2.31 11.53 13.01
N ILE A 199 1.18 11.16 12.43
CA ILE A 199 0.51 12.00 11.46
C ILE A 199 -0.74 12.62 12.09
N PRO A 200 -0.85 13.95 12.08
CA PRO A 200 -2.04 14.54 12.70
C PRO A 200 -3.26 14.43 11.81
N ALA A 201 -4.41 14.50 12.48
CA ALA A 201 -5.67 14.60 11.79
C ALA A 201 -5.61 15.69 10.76
N GLY A 202 -6.14 15.41 9.58
CA GLY A 202 -6.20 16.38 8.52
C GLY A 202 -5.03 16.39 7.56
N MET A 203 -3.92 15.70 7.85
CA MET A 203 -2.73 15.78 6.99
CA MET A 203 -2.75 15.79 6.99
C MET A 203 -2.91 14.97 5.70
N GLU A 204 -2.42 15.52 4.58
CA GLU A 204 -2.33 14.78 3.32
C GLU A 204 -1.35 13.60 3.50
N LEU A 205 -1.76 12.44 3.01
CA LEU A 205 -0.97 11.23 3.12
C LEU A 205 -0.14 11.10 1.82
N THR A 206 1.17 10.85 1.96
CA THR A 206 2.05 10.69 0.81
C THR A 206 3.06 9.56 0.99
N PHE A 207 3.61 9.08 -0.12
CA PHE A 207 4.73 8.16 -0.08
C PHE A 207 5.73 8.46 -1.21
N ASN A 208 6.90 7.88 -1.08
CA ASN A 208 7.93 8.03 -2.11
C ASN A 208 7.72 6.96 -3.17
N TYR A 209 7.28 7.35 -4.35
CA TYR A 209 7.05 6.42 -5.48
C TYR A 209 8.40 5.82 -5.96
N ASN A 210 8.35 4.63 -6.56
CA ASN A 210 9.53 4.09 -7.28
CA ASN A 210 9.53 4.07 -7.29
C ASN A 210 9.09 3.45 -8.61
N LEU A 211 9.21 4.19 -9.71
CA LEU A 211 8.78 3.68 -11.03
N GLY A 215 9.95 3.24 -17.38
CA GLY A 215 10.48 3.87 -18.58
C GLY A 215 11.28 5.13 -18.28
N ASN A 216 11.62 5.86 -19.34
CA ASN A 216 12.40 7.10 -19.25
C ASN A 216 11.53 8.37 -18.99
N GLY A 217 10.20 8.20 -18.92
CA GLY A 217 9.25 9.24 -18.51
C GLY A 217 9.44 9.77 -17.08
N ARG A 218 9.56 11.09 -16.96
CA ARG A 218 9.62 11.80 -15.70
C ARG A 218 8.57 12.89 -15.69
N THR A 219 8.03 13.13 -14.52
CA THR A 219 6.96 14.09 -14.28
C THR A 219 7.57 15.05 -13.28
N GLU A 220 7.41 16.33 -13.52
CA GLU A 220 7.87 17.33 -12.57
C GLU A 220 7.14 17.19 -11.19
N CYS A 221 7.89 17.28 -10.11
CA CYS A 221 7.36 17.14 -8.74
C CYS A 221 6.99 18.45 -8.13
N HIS A 222 5.76 18.53 -7.62
CA HIS A 222 5.34 19.67 -6.84
C HIS A 222 5.09 19.35 -5.39
N CYS A 223 5.88 18.43 -4.81
CA CYS A 223 5.62 17.99 -3.41
C CYS A 223 5.89 19.07 -2.37
N GLY A 224 6.75 20.03 -2.74
CA GLY A 224 7.11 21.16 -1.89
C GLY A 224 8.13 20.90 -0.80
N ALA A 225 8.67 19.68 -0.70
CA ALA A 225 9.71 19.37 0.32
C ALA A 225 11.00 20.16 0.11
N ASP A 226 11.74 20.36 1.19
CA ASP A 226 13.05 21.03 1.12
C ASP A 226 14.07 20.22 0.26
N ASN A 227 13.95 18.89 0.30
CA ASN A 227 14.83 18.02 -0.44
C ASN A 227 14.19 17.54 -1.77
N CYS A 228 13.16 18.23 -2.29
CA CYS A 228 12.57 17.82 -3.53
C CYS A 228 13.60 17.80 -4.68
N SER A 229 13.73 16.65 -5.34
CA SER A 229 14.62 16.47 -6.46
C SER A 229 14.15 17.23 -7.70
N GLY A 230 12.86 17.54 -7.78
CA GLY A 230 12.22 18.08 -8.97
C GLY A 230 11.41 17.10 -9.81
N PHE A 231 11.53 15.79 -9.56
CA PHE A 231 10.86 14.73 -10.34
C PHE A 231 10.35 13.63 -9.45
N LEU A 232 9.36 12.83 -9.88
CA LEU A 232 8.80 11.72 -9.03
C LEU A 232 9.65 10.48 -9.10
N GLY A 233 9.58 9.65 -8.05
CA GLY A 233 10.37 8.41 -7.97
N SAM B . -2.99 12.86 -8.12
CA SAM B . -3.54 11.56 -8.62
C SAM B . -4.98 11.72 -9.15
O SAM B . -5.42 12.85 -9.33
OXT SAM B . -5.68 10.69 -9.43
CB SAM B . -3.43 10.53 -7.48
CG SAM B . -2.04 9.83 -7.45
SD SAM B . -1.72 8.87 -8.83
CE SAM B . -1.25 7.35 -8.29
C5' SAM B . -0.29 9.34 -9.54
C4' SAM B . -0.25 10.62 -10.40
O4' SAM B . -0.46 11.84 -9.67
C3' SAM B . 1.15 10.79 -10.99
O3' SAM B . 1.28 9.96 -12.15
C2' SAM B . 1.24 12.29 -11.21
O2' SAM B . 0.47 12.60 -12.33
C1' SAM B . 0.48 12.84 -10.02
N9 SAM B . 1.36 13.15 -8.85
C8 SAM B . 1.47 12.43 -7.73
N7 SAM B . 2.35 13.00 -6.83
C5 SAM B . 2.78 14.14 -7.49
C6 SAM B . 3.71 15.22 -7.19
N6 SAM B . 4.30 15.19 -6.02
N1 SAM B . 3.92 16.22 -8.07
C2 SAM B . 3.26 16.23 -9.26
N3 SAM B . 2.41 15.28 -9.65
C4 SAM B . 2.12 14.23 -8.80
UNK UNX C . -13.77 -6.25 -4.38
UNK UNX D . 0.58 4.94 -6.96
UNK UNX E . -3.41 -13.15 0.94
UNK UNX F . -1.89 -9.84 -4.06
UNK UNX G . -18.67 -1.27 -8.32
UNK UNX H . 11.64 8.80 3.66
UNK UNX I . 9.47 1.69 1.09
UNK UNX J . -9.78 15.98 7.55
UNK UNX K . -14.03 8.74 -8.85
UNK UNX L . 5.65 14.13 7.93
UNK UNX M . 7.31 18.13 2.63
UNK UNX N . -2.89 5.21 -15.92
UNK UNX O . 5.44 0.75 -22.49
UNK UNX P . 2.14 -16.92 4.69
UNK UNX Q . 1.78 -16.63 14.55
UNK UNX R . -15.42 4.54 -7.20
UNK UNX S . -1.09 -1.19 12.85
ZN ZN T . 3.52 -13.06 17.29
ZN ZN U . 0.03 -13.34 15.91
ZN ZN V . 9.33 16.39 -4.71
#